data_4XVV
#
_entry.id   4XVV
#
_cell.length_a   36.475
_cell.length_b   39.443
_cell.length_c   98.256
_cell.angle_alpha   90.000
_cell.angle_beta   90.000
_cell.angle_gamma   90.000
#
_symmetry.space_group_name_H-M   'P 21 21 21'
#
loop_
_entity.id
_entity.type
_entity.pdbx_description
1 polymer 'Acid stress chaperone HdeB'
2 water water
#
_entity_poly.entity_id   1
_entity_poly.type   'polypeptide(L)'
_entity_poly.pdbx_seq_one_letter_code
;GVEETTPQN(MSE)TCQEF(MSE)D(MSE)NPKS(MSE)TPVAFWVVNRNTDFSGGDYVDWHEVETVSVPK(MSE)LQEC
HKNPAAKLGDLSAVIKK
;
_entity_poly.pdbx_strand_id   A,B
#
# COMPACT_ATOMS: atom_id res chain seq x y z
N GLY A 1 5.65 -15.02 -8.37
CA GLY A 1 4.53 -14.28 -9.02
C GLY A 1 4.25 -12.92 -8.40
N VAL A 2 3.18 -12.28 -8.85
CA VAL A 2 2.82 -10.95 -8.35
C VAL A 2 2.51 -10.93 -6.85
N GLU A 3 2.08 -12.07 -6.30
CA GLU A 3 1.82 -12.22 -4.86
C GLU A 3 2.99 -11.71 -3.99
N GLU A 4 4.22 -11.91 -4.49
CA GLU A 4 5.41 -11.53 -3.75
CA GLU A 4 5.42 -11.52 -3.75
C GLU A 4 5.61 -10.00 -3.63
N THR A 5 4.89 -9.21 -4.44
CA THR A 5 4.89 -7.75 -4.29
C THR A 5 3.63 -7.23 -3.58
N THR A 6 2.89 -8.14 -2.95
CA THR A 6 1.76 -7.78 -2.12
C THR A 6 1.95 -8.34 -0.72
N PRO A 7 1.16 -7.85 0.23
CA PRO A 7 1.36 -8.26 1.63
C PRO A 7 0.61 -9.51 2.08
N GLN A 8 0.14 -10.33 1.15
CA GLN A 8 -0.64 -11.52 1.52
C GLN A 8 0.08 -12.37 2.58
N ASN A 9 1.39 -12.58 2.38
CA ASN A 9 2.20 -13.37 3.29
C ASN A 9 3.10 -12.54 4.22
N MSE A 10 2.88 -11.23 4.28
CA MSE A 10 3.56 -10.38 5.24
C MSE A 10 3.00 -10.70 6.60
O MSE A 10 1.80 -10.86 6.77
CB MSE A 10 3.34 -8.90 4.92
CG MSE A 10 4.06 -8.00 5.93
SE MSE A 10 3.82 -6.09 5.51
CE MSE A 10 5.35 -6.03 4.28
N THR A 11 3.87 -10.76 7.61
CA THR A 11 3.41 -10.99 8.98
C THR A 11 3.09 -9.68 9.68
N CYS A 12 2.32 -9.79 10.75
CA CYS A 12 2.05 -8.65 11.61
C CYS A 12 3.33 -8.03 12.17
N GLN A 13 4.29 -8.87 12.55
CA GLN A 13 5.58 -8.37 13.00
C GLN A 13 6.23 -7.48 11.94
N GLU A 14 6.22 -7.95 10.69
CA GLU A 14 6.78 -7.17 9.59
C GLU A 14 6.07 -5.83 9.40
N PHE A 15 4.73 -5.85 9.50
CA PHE A 15 3.96 -4.61 9.42
C PHE A 15 4.37 -3.61 10.50
N MSE A 16 4.54 -4.08 11.73
CA MSE A 16 4.90 -3.21 12.87
C MSE A 16 6.28 -2.65 12.72
O MSE A 16 6.55 -1.53 13.15
CB MSE A 16 4.82 -3.99 14.17
CG MSE A 16 3.37 -4.32 14.51
SE MSE A 16 3.31 -5.24 16.27
CE MSE A 16 3.97 -7.03 15.78
N ASP A 17 7.17 -3.42 12.08
CA ASP A 17 8.56 -3.02 11.92
C ASP A 17 8.84 -2.22 10.64
N MSE A 18 7.82 -2.02 9.80
CA MSE A 18 7.97 -1.33 8.52
CA MSE A 18 8.03 -1.34 8.50
C MSE A 18 8.20 0.14 8.68
O MSE A 18 7.93 0.71 9.74
CB MSE A 18 6.64 -1.52 7.78
CB MSE A 18 6.88 -1.62 7.52
CG MSE A 18 6.81 -2.07 6.38
CG MSE A 18 5.58 -0.87 7.78
SE MSE A 18 5.00 -2.32 5.65
SE MSE A 18 4.24 -1.39 6.43
CE MSE A 18 4.07 -0.88 6.63
CE MSE A 18 5.29 -2.82 5.56
N ASN A 19 8.68 0.80 7.62
CA ASN A 19 8.70 2.25 7.58
C ASN A 19 7.25 2.70 7.75
N PRO A 20 6.98 3.55 8.74
CA PRO A 20 5.60 3.98 8.93
C PRO A 20 4.96 4.56 7.68
N LYS A 21 5.78 5.16 6.82
CA LYS A 21 5.27 5.75 5.59
C LYS A 21 4.54 4.77 4.65
N SER A 22 4.79 3.46 4.79
CA SER A 22 4.12 2.42 3.98
CA SER A 22 4.12 2.45 3.97
C SER A 22 2.87 1.85 4.66
N MSE A 23 2.58 2.27 5.88
CA MSE A 23 1.48 1.68 6.64
C MSE A 23 0.11 1.95 6.07
O MSE A 23 -0.70 1.02 5.95
CB MSE A 23 1.55 2.10 8.11
CG MSE A 23 2.69 1.38 8.81
SE MSE A 23 2.71 1.85 10.72
CE MSE A 23 4.31 0.76 11.17
N THR A 24 -0.17 3.18 5.71
CA THR A 24 -1.47 3.48 5.08
C THR A 24 -1.66 2.70 3.76
N PRO A 25 -0.66 2.73 2.86
CA PRO A 25 -0.86 1.94 1.64
C PRO A 25 -1.11 0.44 1.90
N VAL A 26 -0.35 -0.15 2.81
CA VAL A 26 -0.49 -1.59 3.12
C VAL A 26 -1.86 -1.86 3.73
N ALA A 27 -2.29 -1.01 4.66
CA ALA A 27 -3.59 -1.14 5.28
C ALA A 27 -4.72 -1.01 4.26
N PHE A 28 -4.56 -0.11 3.30
CA PHE A 28 -5.55 0.05 2.22
C PHE A 28 -5.72 -1.25 1.43
N TRP A 29 -4.61 -1.92 1.16
CA TRP A 29 -4.65 -3.22 0.50
C TRP A 29 -5.39 -4.26 1.35
N VAL A 30 -5.10 -4.31 2.64
CA VAL A 30 -5.75 -5.28 3.54
C VAL A 30 -7.27 -5.13 3.49
N VAL A 31 -7.75 -3.90 3.55
CA VAL A 31 -9.19 -3.66 3.61
C VAL A 31 -9.87 -3.59 2.24
N ASN A 32 -9.14 -3.22 1.18
CA ASN A 32 -9.74 -3.00 -0.15
C ASN A 32 -9.23 -3.90 -1.31
N ARG A 33 -8.49 -4.95 -0.99
N ARG A 33 -8.55 -4.99 -0.97
CA ARG A 33 -7.91 -5.82 -2.04
CA ARG A 33 -8.27 -6.01 -1.96
C ARG A 33 -8.91 -6.46 -3.01
C ARG A 33 -9.61 -6.73 -2.22
N ASN A 34 -10.14 -6.72 -2.57
N ASN A 34 -10.01 -6.78 -3.48
CA ASN A 34 -11.11 -7.41 -3.44
CA ASN A 34 -11.23 -7.48 -3.88
C ASN A 34 -12.48 -6.75 -3.35
C ASN A 34 -12.52 -6.76 -3.48
N THR A 35 -12.48 -5.43 -3.35
CA THR A 35 -13.68 -4.66 -2.98
C THR A 35 -14.37 -4.06 -4.21
N ASP A 36 -15.68 -3.82 -4.10
CA ASP A 36 -16.42 -3.23 -5.21
C ASP A 36 -16.19 -1.71 -5.27
N PHE A 37 -15.12 -1.32 -5.95
CA PHE A 37 -14.75 0.09 -6.04
C PHE A 37 -15.80 0.93 -6.79
N SER A 38 -16.64 0.29 -7.62
CA SER A 38 -17.55 1.03 -8.51
C SER A 38 -18.80 1.54 -7.80
N GLY A 39 -19.31 0.78 -6.83
CA GLY A 39 -20.44 1.24 -6.04
C GLY A 39 -20.07 1.97 -4.77
N GLY A 40 -18.84 2.46 -4.68
CA GLY A 40 -18.36 3.20 -3.52
C GLY A 40 -18.20 2.36 -2.26
N ASP A 41 -18.14 1.04 -2.42
CA ASP A 41 -18.04 0.14 -1.29
C ASP A 41 -16.58 -0.11 -1.06
N TYR A 42 -15.90 0.91 -0.52
CA TYR A 42 -14.53 0.75 -0.08
C TYR A 42 -14.24 1.68 1.09
N VAL A 43 -13.11 1.44 1.74
CA VAL A 43 -12.65 2.25 2.85
C VAL A 43 -11.73 3.29 2.23
N ASP A 44 -12.10 4.56 2.35
CA ASP A 44 -11.37 5.63 1.66
C ASP A 44 -10.03 5.89 2.34
N TRP A 45 -9.17 6.63 1.66
CA TRP A 45 -7.82 6.90 2.17
C TRP A 45 -7.80 7.52 3.57
N HIS A 46 -8.65 8.50 3.82
CA HIS A 46 -8.70 9.13 5.14
C HIS A 46 -9.05 8.15 6.24
N GLU A 47 -10.06 7.32 5.99
CA GLU A 47 -10.46 6.30 6.95
C GLU A 47 -9.33 5.29 7.18
N VAL A 48 -8.66 4.88 6.13
CA VAL A 48 -7.59 3.92 6.28
C VAL A 48 -6.48 4.50 7.15
N GLU A 49 -6.05 5.71 6.82
CA GLU A 49 -5.02 6.40 7.61
C GLU A 49 -5.39 6.60 9.07
N THR A 50 -6.60 7.05 9.34
CA THR A 50 -6.96 7.49 10.67
C THR A 50 -7.58 6.40 11.55
N VAL A 51 -8.15 5.36 10.92
CA VAL A 51 -8.85 4.30 11.64
C VAL A 51 -8.22 2.92 11.41
N SER A 52 -8.06 2.53 10.15
CA SER A 52 -7.55 1.19 9.82
C SER A 52 -6.12 0.95 10.30
N VAL A 53 -5.25 1.93 10.10
CA VAL A 53 -3.87 1.77 10.54
C VAL A 53 -3.76 1.53 12.06
N PRO A 54 -4.37 2.39 12.91
CA PRO A 54 -4.30 2.13 14.36
C PRO A 54 -4.92 0.80 14.76
N LYS A 55 -5.97 0.40 14.05
CA LYS A 55 -6.66 -0.85 14.31
C LYS A 55 -5.75 -2.04 13.96
N MSE A 56 -5.00 -1.91 12.86
CA MSE A 56 -4.06 -2.95 12.46
CA MSE A 56 -4.06 -2.95 12.45
C MSE A 56 -2.92 -3.07 13.41
O MSE A 56 -2.53 -4.19 13.77
CB MSE A 56 -3.52 -2.66 11.09
CB MSE A 56 -3.51 -2.64 11.06
CG MSE A 56 -4.49 -3.27 10.10
CG MSE A 56 -4.42 -3.12 9.95
SE MSE A 56 -3.60 -3.25 8.36
SE MSE A 56 -3.71 -4.82 9.26
CE MSE A 56 -2.34 -4.74 8.71
CE MSE A 56 -2.26 -4.10 8.16
N LEU A 57 -2.39 -1.95 13.87
CA LEU A 57 -1.32 -1.98 14.87
C LEU A 57 -1.79 -2.67 16.15
N GLN A 58 -3.01 -2.38 16.57
CA GLN A 58 -3.61 -3.02 17.73
C GLN A 58 -3.70 -4.55 17.56
N GLU A 59 -4.23 -4.99 16.42
CA GLU A 59 -4.37 -6.42 16.14
C GLU A 59 -3.02 -7.11 16.00
N CYS A 60 -2.08 -6.43 15.35
CA CYS A 60 -0.74 -7.00 15.14
C CYS A 60 0.05 -7.16 16.44
N HIS A 61 -0.17 -6.26 17.41
CA HIS A 61 0.44 -6.41 18.74
C HIS A 61 -0.06 -7.66 19.46
N LYS A 62 -1.32 -8.04 19.23
CA LYS A 62 -1.89 -9.23 19.84
C LYS A 62 -1.34 -10.52 19.25
N ASN A 63 -1.10 -10.52 17.94
CA ASN A 63 -0.57 -11.70 17.26
C ASN A 63 0.42 -11.36 16.14
N PRO A 64 1.69 -11.23 16.49
CA PRO A 64 2.71 -10.86 15.49
C PRO A 64 2.92 -11.91 14.39
N ALA A 65 2.50 -13.16 14.61
CA ALA A 65 2.68 -14.23 13.63
C ALA A 65 1.57 -14.28 12.58
N ALA A 66 0.50 -13.53 12.81
CA ALA A 66 -0.62 -13.47 11.85
C ALA A 66 -0.16 -12.91 10.50
N LYS A 67 -0.75 -13.42 9.42
CA LYS A 67 -0.46 -12.94 8.05
C LYS A 67 -1.48 -11.90 7.67
N LEU A 68 -1.05 -10.83 6.99
CA LEU A 68 -1.98 -9.75 6.65
C LEU A 68 -3.03 -10.20 5.65
N GLY A 69 -2.74 -11.23 4.86
CA GLY A 69 -3.70 -11.78 3.93
C GLY A 69 -4.92 -12.37 4.62
N ASP A 70 -4.80 -12.63 5.92
CA ASP A 70 -5.91 -13.15 6.73
C ASP A 70 -6.68 -12.09 7.54
N LEU A 71 -6.24 -10.84 7.49
CA LEU A 71 -6.78 -9.77 8.36
C LEU A 71 -7.86 -8.88 7.77
N SER A 72 -8.26 -9.10 6.52
CA SER A 72 -9.27 -8.21 5.90
C SER A 72 -10.55 -8.03 6.70
N ALA A 73 -11.13 -9.14 7.16
CA ALA A 73 -12.40 -9.09 7.86
C ALA A 73 -12.31 -8.33 9.19
N VAL A 74 -11.28 -8.61 9.98
CA VAL A 74 -11.19 -8.01 11.32
C VAL A 74 -10.91 -6.51 11.25
N ILE A 75 -10.16 -6.08 10.25
CA ILE A 75 -9.84 -4.65 10.08
C ILE A 75 -11.04 -3.89 9.50
N LYS A 76 -11.79 -4.54 8.61
CA LYS A 76 -13.04 -3.98 8.07
C LYS A 76 -14.20 -3.91 9.06
N LYS A 77 -14.28 -4.87 9.99
CA LYS A 77 -15.43 -4.97 10.92
C LYS A 77 -15.80 -3.66 11.60
N GLU B 3 5.25 8.97 12.74
CA GLU B 3 4.40 10.18 12.49
C GLU B 3 3.64 10.03 11.16
N GLU B 4 4.29 10.34 10.05
CA GLU B 4 3.69 10.21 8.71
C GLU B 4 3.56 8.73 8.33
N THR B 5 2.31 8.32 8.06
CA THR B 5 2.01 6.95 7.64
C THR B 5 1.64 6.80 6.15
N THR B 6 1.92 7.84 5.36
CA THR B 6 1.84 7.74 3.90
C THR B 6 3.18 8.07 3.28
N PRO B 7 3.40 7.65 2.02
CA PRO B 7 4.72 7.74 1.38
C PRO B 7 5.05 9.08 0.70
N GLN B 8 4.31 10.14 1.02
CA GLN B 8 4.53 11.42 0.33
C GLN B 8 6.00 11.84 0.36
N ASN B 9 6.65 11.65 1.51
CA ASN B 9 8.07 12.01 1.67
C ASN B 9 9.05 10.83 1.64
N MSE B 10 8.57 9.66 1.25
CA MSE B 10 9.46 8.50 1.03
C MSE B 10 10.27 8.79 -0.21
O MSE B 10 9.74 9.32 -1.19
CB MSE B 10 8.63 7.22 0.83
CG MSE B 10 9.55 6.01 0.59
SE MSE B 10 8.51 4.34 0.39
CE MSE B 10 8.44 3.99 2.30
N THR B 11 11.55 8.46 -0.19
CA THR B 11 12.40 8.63 -1.37
C THR B 11 12.33 7.42 -2.30
N CYS B 12 12.73 7.64 -3.55
CA CYS B 12 12.85 6.56 -4.52
C CYS B 12 13.82 5.47 -4.06
N GLN B 13 14.92 5.88 -3.45
CA GLN B 13 15.85 4.92 -2.86
C GLN B 13 15.15 4.02 -1.85
N GLU B 14 14.37 4.61 -0.97
CA GLU B 14 13.63 3.86 0.05
C GLU B 14 12.65 2.88 -0.60
N PHE B 15 11.95 3.32 -1.63
CA PHE B 15 11.04 2.43 -2.37
C PHE B 15 11.77 1.21 -2.95
N MSE B 16 12.93 1.45 -3.54
CA MSE B 16 13.70 0.37 -4.17
C MSE B 16 14.20 -0.60 -3.15
O MSE B 16 14.34 -1.79 -3.42
CB MSE B 16 14.91 0.94 -4.93
CG MSE B 16 14.44 1.70 -6.16
SE MSE B 16 16.00 2.36 -7.16
CE MSE B 16 16.59 3.88 -6.08
N ASP B 17 14.49 -0.10 -1.95
CA ASP B 17 15.10 -0.89 -0.90
C ASP B 17 14.08 -1.56 0.06
N MSE B 18 12.80 -1.28 -0.14
CA MSE B 18 11.76 -1.78 0.78
CA MSE B 18 11.73 -1.78 0.74
C MSE B 18 11.50 -3.26 0.61
O MSE B 18 11.88 -3.87 -0.38
CB MSE B 18 10.43 -1.02 0.61
CB MSE B 18 10.40 -1.16 0.32
CG MSE B 18 9.61 -1.35 -0.65
CG MSE B 18 9.89 -0.17 1.33
SE MSE B 18 7.98 -0.26 -0.69
SE MSE B 18 8.15 0.43 0.64
CE MSE B 18 8.37 0.84 0.88
CE MSE B 18 7.98 -0.85 -0.85
N ASN B 19 10.82 -3.83 1.59
CA ASN B 19 10.30 -5.18 1.45
C ASN B 19 9.43 -5.20 0.19
N PRO B 20 9.71 -6.10 -0.76
CA PRO B 20 8.91 -6.09 -1.98
C PRO B 20 7.41 -6.27 -1.73
N LYS B 21 7.06 -6.92 -0.63
CA LYS B 21 5.65 -7.14 -0.27
C LYS B 21 4.83 -5.86 -0.09
N SER B 22 5.51 -4.72 0.12
CA SER B 22 4.83 -3.42 0.23
C SER B 22 4.84 -2.62 -1.09
N MSE B 23 5.49 -3.12 -2.14
CA MSE B 23 5.64 -2.33 -3.40
C MSE B 23 4.36 -2.06 -4.11
O MSE B 23 4.10 -0.93 -4.53
CB MSE B 23 6.63 -2.98 -4.37
CG MSE B 23 8.02 -2.74 -3.80
SE MSE B 23 9.31 -3.50 -5.08
CE MSE B 23 10.88 -3.01 -4.03
N THR B 24 3.52 -3.09 -4.28
CA THR B 24 2.24 -2.89 -4.94
C THR B 24 1.36 -1.91 -4.14
N PRO B 25 1.21 -2.12 -2.83
CA PRO B 25 0.42 -1.12 -2.08
C PRO B 25 0.96 0.32 -2.19
N VAL B 26 2.26 0.51 -2.07
CA VAL B 26 2.82 1.85 -2.15
C VAL B 26 2.61 2.46 -3.55
N ALA B 27 2.86 1.67 -4.59
CA ALA B 27 2.59 2.09 -5.95
C ALA B 27 1.13 2.46 -6.19
N PHE B 28 0.21 1.69 -5.61
CA PHE B 28 -1.20 1.96 -5.72
C PHE B 28 -1.54 3.34 -5.14
N TRP B 29 -0.91 3.68 -4.01
CA TRP B 29 -1.08 4.98 -3.40
C TRP B 29 -0.57 6.08 -4.33
N VAL B 30 0.63 5.91 -4.88
CA VAL B 30 1.22 6.90 -5.77
C VAL B 30 0.26 7.23 -6.92
N VAL B 31 -0.34 6.20 -7.51
CA VAL B 31 -1.18 6.41 -8.69
C VAL B 31 -2.65 6.71 -8.39
N ASN B 32 -3.15 6.25 -7.24
CA ASN B 32 -4.58 6.37 -6.92
C ASN B 32 -4.91 7.19 -5.66
N ARG B 33 -3.95 7.91 -5.10
CA ARG B 33 -4.18 8.68 -3.85
C ARG B 33 -5.33 9.69 -3.97
N ASN B 34 -5.50 10.22 -5.17
CA ASN B 34 -6.46 11.28 -5.41
C ASN B 34 -7.73 10.91 -6.15
N THR B 35 -8.00 9.61 -6.34
CA THR B 35 -9.19 9.18 -7.09
C THR B 35 -10.33 8.74 -6.17
N ASP B 36 -11.56 8.80 -6.67
CA ASP B 36 -12.73 8.23 -5.99
C ASP B 36 -13.09 6.80 -6.46
N PHE B 37 -12.31 6.25 -7.38
CA PHE B 37 -12.49 4.88 -7.87
C PHE B 37 -13.83 4.66 -8.54
N SER B 38 -14.45 5.75 -8.97
CA SER B 38 -15.75 5.71 -9.59
C SER B 38 -15.56 5.51 -11.08
N GLY B 39 -16.51 4.80 -11.69
CA GLY B 39 -16.57 4.70 -13.15
C GLY B 39 -15.32 4.12 -13.79
N GLY B 40 -14.60 3.30 -13.06
CA GLY B 40 -13.36 2.70 -13.54
C GLY B 40 -12.20 3.66 -13.76
N ASP B 41 -12.27 4.86 -13.17
CA ASP B 41 -11.20 5.86 -13.35
C ASP B 41 -10.12 5.72 -12.26
N TYR B 42 -9.43 4.60 -12.31
CA TYR B 42 -8.35 4.31 -11.40
C TYR B 42 -7.50 3.22 -12.03
N VAL B 43 -6.33 3.00 -11.45
CA VAL B 43 -5.44 1.95 -11.90
C VAL B 43 -5.70 0.76 -10.98
N ASP B 44 -6.22 -0.34 -11.53
CA ASP B 44 -6.63 -1.47 -10.67
C ASP B 44 -5.41 -2.23 -10.13
N TRP B 45 -5.63 -3.11 -9.15
CA TRP B 45 -4.51 -3.83 -8.54
C TRP B 45 -3.63 -4.56 -9.54
N HIS B 46 -4.23 -5.22 -10.52
CA HIS B 46 -3.47 -5.93 -11.54
C HIS B 46 -2.56 -4.98 -12.31
N GLU B 47 -3.12 -3.86 -12.74
CA GLU B 47 -2.36 -2.86 -13.51
C GLU B 47 -1.23 -2.29 -12.65
N VAL B 48 -1.47 -2.07 -11.37
CA VAL B 48 -0.42 -1.55 -10.50
C VAL B 48 0.71 -2.58 -10.39
N GLU B 49 0.36 -3.83 -10.14
CA GLU B 49 1.30 -4.94 -9.99
C GLU B 49 2.14 -5.16 -11.26
N THR B 50 1.50 -5.13 -12.42
CA THR B 50 2.15 -5.53 -13.66
C THR B 50 2.73 -4.36 -14.45
N VAL B 51 2.25 -3.15 -14.22
CA VAL B 51 2.69 -1.97 -14.99
C VAL B 51 3.28 -0.88 -14.08
N SER B 52 2.54 -0.45 -13.07
CA SER B 52 2.99 0.67 -12.23
C SER B 52 4.24 0.36 -11.42
N VAL B 53 4.29 -0.81 -10.82
CA VAL B 53 5.47 -1.18 -10.02
C VAL B 53 6.74 -1.16 -10.89
N PRO B 54 6.77 -1.87 -12.04
CA PRO B 54 7.98 -1.80 -12.86
C PRO B 54 8.32 -0.39 -13.34
N LYS B 55 7.30 0.42 -13.62
CA LYS B 55 7.48 1.79 -14.06
C LYS B 55 8.10 2.62 -12.96
N MSE B 56 7.65 2.40 -11.72
CA MSE B 56 8.19 3.12 -10.58
C MSE B 56 9.61 2.76 -10.33
O MSE B 56 10.45 3.62 -10.07
CB MSE B 56 7.38 2.83 -9.32
CG MSE B 56 6.27 3.85 -9.33
SE MSE B 56 5.46 3.76 -7.55
CE MSE B 56 6.91 4.69 -6.60
N LEU B 57 9.92 1.46 -10.40
CA LEU B 57 11.29 1.02 -10.22
C LEU B 57 12.21 1.65 -11.29
N GLN B 58 11.74 1.72 -12.53
CA GLN B 58 12.45 2.38 -13.62
C GLN B 58 12.74 3.86 -13.32
N GLU B 59 11.71 4.58 -12.92
CA GLU B 59 11.84 6.01 -12.60
C GLU B 59 12.72 6.23 -11.37
N CYS B 60 12.58 5.36 -10.37
CA CYS B 60 13.37 5.47 -9.15
C CYS B 60 14.85 5.21 -9.36
N HIS B 61 15.19 4.32 -10.31
CA HIS B 61 16.59 4.11 -10.70
C HIS B 61 17.21 5.37 -11.31
N LYS B 62 16.41 6.16 -12.02
CA LYS B 62 16.90 7.42 -12.62
C LYS B 62 17.16 8.51 -11.60
N ASN B 63 16.30 8.62 -10.58
CA ASN B 63 16.43 9.65 -9.55
CA ASN B 63 16.43 9.66 -9.55
C ASN B 63 16.10 9.11 -8.16
N PRO B 64 17.11 8.52 -7.48
CA PRO B 64 16.82 7.94 -6.15
C PRO B 64 16.45 8.96 -5.07
N ALA B 65 16.78 10.24 -5.28
CA ALA B 65 16.49 11.29 -4.32
C ALA B 65 15.07 11.84 -4.46
N ALA B 66 14.39 11.49 -5.55
CA ALA B 66 13.01 11.93 -5.77
C ALA B 66 12.09 11.43 -4.65
N LYS B 67 11.09 12.23 -4.29
CA LYS B 67 10.08 11.86 -3.31
C LYS B 67 8.88 11.27 -4.02
N LEU B 68 8.27 10.24 -3.44
CA LEU B 68 7.16 9.56 -4.12
C LEU B 68 5.93 10.45 -4.26
N GLY B 69 5.77 11.39 -3.35
CA GLY B 69 4.66 12.33 -3.42
C GLY B 69 4.71 13.20 -4.67
N ASP B 70 5.88 13.27 -5.32
CA ASP B 70 6.04 14.01 -6.57
C ASP B 70 5.92 13.15 -7.84
N LEU B 71 5.74 11.84 -7.68
CA LEU B 71 5.74 10.91 -8.83
C LEU B 71 4.40 10.49 -9.42
N SER B 72 3.28 10.96 -8.87
CA SER B 72 1.99 10.60 -9.43
C SER B 72 2.01 11.11 -10.88
N ALA B 73 2.53 12.34 -11.03
CA ALA B 73 2.57 13.03 -12.32
C ALA B 73 3.45 12.33 -13.35
N VAL B 74 4.65 11.90 -12.96
CA VAL B 74 5.56 11.29 -13.93
C VAL B 74 4.99 10.00 -14.55
N ILE B 75 4.05 9.35 -13.85
CA ILE B 75 3.18 8.33 -14.47
C ILE B 75 1.76 8.89 -14.62
#